data_5E6F
#
_entry.id   5E6F
#
_cell.length_a   89.117
_cell.length_b   89.117
_cell.length_c   117.945
_cell.angle_alpha   90.000
_cell.angle_beta   90.000
_cell.angle_gamma   90.000
#
_symmetry.space_group_name_H-M   'P 43 21 2'
#
loop_
_entity.id
_entity.type
_entity.pdbx_description
1 polymer 'CNPV261 Holliday junction resolvase protein'
2 non-polymer 'MAGNESIUM ION'
3 non-polymer 'D(-)-TARTARIC ACID'
4 water water
#
_entity_poly.entity_id   1
_entity_poly.type   'polypeptide(L)'
_entity_poly.pdbx_seq_one_letter_code
;MTIICSVDIGIKNPAYTIFRYEDSKVSLIAIEKSDWSDNWEYNVTKDLTKYNPDIIVLEKQGYRSPNAKIIYFIKGFFYN
TNTSVIVRNPTFQGGSYSDRKKQSVITFMDKLSRYSDHIDDILSSFTKLDDIADSFNLGIAYIESTFKKNVK
;
_entity_poly.pdbx_strand_id   A,B
#
loop_
_chem_comp.id
_chem_comp.type
_chem_comp.name
_chem_comp.formula
MG non-polymer 'MAGNESIUM ION' 'Mg 2'
TAR non-polymer 'D(-)-TARTARIC ACID' 'C4 H6 O6'
#
# COMPACT_ATOMS: atom_id res chain seq x y z
N THR A 2 -18.03 10.04 16.29
CA THR A 2 -17.01 9.44 15.37
C THR A 2 -17.07 7.90 15.31
N ILE A 3 -17.08 7.37 14.08
CA ILE A 3 -17.11 5.93 13.86
C ILE A 3 -15.67 5.43 13.71
N ILE A 4 -15.30 4.43 14.53
CA ILE A 4 -13.97 3.84 14.51
C ILE A 4 -14.03 2.38 14.03
N CYS A 5 -13.17 2.04 13.07
CA CYS A 5 -13.12 0.68 12.54
C CYS A 5 -11.75 0.06 12.85
N SER A 6 -11.66 -0.74 13.91
CA SER A 6 -10.39 -1.37 14.25
C SER A 6 -10.36 -2.73 13.54
N VAL A 7 -9.35 -2.93 12.71
CA VAL A 7 -9.23 -4.15 11.94
C VAL A 7 -8.12 -5.10 12.34
N ASP A 8 -8.43 -6.40 12.32
CA ASP A 8 -7.42 -7.42 12.61
C ASP A 8 -7.14 -8.06 11.25
N ILE A 9 -6.15 -7.50 10.55
CA ILE A 9 -5.73 -7.94 9.23
C ILE A 9 -5.45 -9.46 9.15
N GLY A 10 -5.84 -10.06 8.03
CA GLY A 10 -5.61 -11.47 7.83
C GLY A 10 -6.07 -11.81 6.43
N ILE A 11 -5.54 -12.89 5.85
CA ILE A 11 -5.93 -13.29 4.51
C ILE A 11 -7.27 -14.02 4.51
N LYS A 12 -7.36 -15.10 5.27
CA LYS A 12 -8.58 -15.89 5.36
C LYS A 12 -9.46 -15.46 6.53
N ASN A 13 -8.85 -14.97 7.60
CA ASN A 13 -9.60 -14.59 8.80
C ASN A 13 -9.60 -13.11 9.18
N PRO A 14 -9.83 -12.22 8.21
CA PRO A 14 -9.84 -10.82 8.62
C PRO A 14 -11.11 -10.52 9.40
N ALA A 15 -10.98 -9.81 10.51
CA ALA A 15 -12.13 -9.44 11.32
C ALA A 15 -12.00 -7.97 11.67
N TYR A 16 -13.13 -7.31 11.91
CA TYR A 16 -13.10 -5.91 12.29
C TYR A 16 -14.34 -5.53 13.10
N THR A 17 -14.15 -4.72 14.14
CA THR A 17 -15.29 -4.29 14.94
C THR A 17 -15.46 -2.79 14.75
N ILE A 18 -16.72 -2.36 14.67
CA ILE A 18 -17.07 -0.95 14.48
C ILE A 18 -17.54 -0.34 15.81
N PHE A 19 -16.85 0.71 16.26
CA PHE A 19 -17.17 1.40 17.50
C PHE A 19 -17.64 2.84 17.21
N ARG A 20 -18.69 3.28 17.90
CA ARG A 20 -19.15 4.67 17.77
C ARG A 20 -18.57 5.32 19.01
N TYR A 21 -18.13 6.57 18.90
CA TYR A 21 -17.55 7.23 20.07
C TYR A 21 -18.02 8.66 20.25
N GLU A 22 -19.15 8.82 20.94
CA GLU A 22 -19.73 10.14 21.19
C GLU A 22 -19.91 10.39 22.69
N ASP A 23 -19.52 11.60 23.12
CA ASP A 23 -19.62 12.02 24.52
C ASP A 23 -18.84 11.14 25.48
N SER A 24 -17.60 10.80 25.12
CA SER A 24 -16.77 9.93 25.96
C SER A 24 -17.56 8.67 26.36
N LYS A 25 -18.35 8.18 25.41
CA LYS A 25 -19.16 6.98 25.58
C LYS A 25 -19.00 6.07 24.36
N VAL A 26 -18.24 5.00 24.54
CA VAL A 26 -18.00 4.06 23.47
C VAL A 26 -19.14 3.05 23.37
N SER A 27 -19.44 2.61 22.15
CA SER A 27 -20.50 1.63 21.94
C SER A 27 -20.30 0.78 20.68
N LEU A 28 -20.54 -0.52 20.82
CA LEU A 28 -20.42 -1.46 19.71
C LEU A 28 -21.53 -1.22 18.70
N ILE A 29 -21.17 -1.21 17.43
CA ILE A 29 -22.16 -1.01 16.38
C ILE A 29 -22.20 -2.32 15.58
N ALA A 30 -21.02 -2.85 15.30
CA ALA A 30 -20.93 -4.10 14.55
C ALA A 30 -19.64 -4.85 14.82
N ILE A 31 -19.67 -6.12 14.46
CA ILE A 31 -18.52 -6.99 14.59
C ILE A 31 -18.69 -7.91 13.39
N GLU A 32 -17.66 -8.00 12.55
CA GLU A 32 -17.75 -8.80 11.34
C GLU A 32 -16.51 -9.60 10.97
N LYS A 33 -16.75 -10.79 10.43
CA LYS A 33 -15.71 -11.66 9.94
C LYS A 33 -15.78 -11.47 8.43
N SER A 34 -14.66 -11.63 7.75
CA SER A 34 -14.67 -11.47 6.31
C SER A 34 -13.66 -12.45 5.75
N ASP A 35 -13.41 -12.37 4.45
CA ASP A 35 -12.47 -13.26 3.80
C ASP A 35 -11.76 -12.48 2.70
N TRP A 36 -10.43 -12.39 2.81
CA TRP A 36 -9.65 -11.69 1.79
C TRP A 36 -8.79 -12.64 0.97
N SER A 37 -9.27 -13.86 0.75
CA SER A 37 -8.52 -14.85 -0.03
C SER A 37 -8.50 -14.53 -1.51
N ASP A 38 -9.58 -13.94 -2.02
CA ASP A 38 -9.64 -13.57 -3.42
C ASP A 38 -10.00 -12.10 -3.58
N ASN A 39 -9.31 -11.44 -4.50
CA ASN A 39 -9.53 -10.01 -4.76
C ASN A 39 -9.52 -9.22 -3.46
N TRP A 40 -8.43 -9.35 -2.72
CA TRP A 40 -8.34 -8.63 -1.46
C TRP A 40 -8.49 -7.12 -1.65
N GLU A 41 -8.02 -6.59 -2.77
CA GLU A 41 -8.15 -5.17 -3.02
C GLU A 41 -9.62 -4.79 -3.04
N TYR A 42 -10.42 -5.59 -3.74
CA TYR A 42 -11.84 -5.37 -3.85
C TYR A 42 -12.56 -5.52 -2.50
N ASN A 43 -12.30 -6.62 -1.79
CA ASN A 43 -12.94 -6.86 -0.50
C ASN A 43 -12.49 -5.91 0.60
N VAL A 44 -11.18 -5.62 0.64
CA VAL A 44 -10.62 -4.71 1.63
C VAL A 44 -11.32 -3.36 1.56
N THR A 45 -11.37 -2.78 0.35
CA THR A 45 -12.02 -1.48 0.18
C THR A 45 -13.49 -1.56 0.51
N LYS A 46 -14.16 -2.59 0.02
CA LYS A 46 -15.58 -2.77 0.27
C LYS A 46 -15.91 -2.89 1.77
N ASP A 47 -15.16 -3.71 2.49
CA ASP A 47 -15.38 -3.91 3.93
C ASP A 47 -15.09 -2.71 4.82
N LEU A 48 -13.94 -2.07 4.62
CA LEU A 48 -13.55 -0.93 5.45
C LEU A 48 -14.37 0.33 5.23
N THR A 49 -14.93 0.52 4.03
CA THR A 49 -15.74 1.71 3.78
C THR A 49 -17.21 1.45 4.08
N LYS A 50 -17.58 0.18 4.25
CA LYS A 50 -18.97 -0.20 4.54
C LYS A 50 -19.62 0.61 5.66
N TYR A 51 -18.97 0.73 6.80
CA TYR A 51 -19.54 1.47 7.91
C TYR A 51 -19.08 2.92 7.99
N ASN A 52 -18.56 3.44 6.88
CA ASN A 52 -18.07 4.81 6.79
C ASN A 52 -17.32 5.28 8.03
N PRO A 53 -16.25 4.57 8.39
CA PRO A 53 -15.52 5.01 9.58
C PRO A 53 -14.80 6.35 9.39
N ASP A 54 -14.49 6.99 10.50
CA ASP A 54 -13.78 8.26 10.51
C ASP A 54 -12.33 7.94 10.77
N ILE A 55 -12.10 6.76 11.34
CA ILE A 55 -10.77 6.28 11.67
C ILE A 55 -10.67 4.78 11.39
N ILE A 56 -9.49 4.36 10.96
CA ILE A 56 -9.23 2.94 10.69
C ILE A 56 -8.07 2.64 11.61
N VAL A 57 -8.17 1.57 12.39
CA VAL A 57 -7.06 1.24 13.26
C VAL A 57 -6.55 -0.14 12.84
N LEU A 58 -5.24 -0.24 12.62
CA LEU A 58 -4.60 -1.48 12.20
C LEU A 58 -3.39 -1.73 13.11
N GLU A 59 -2.77 -2.90 12.98
CA GLU A 59 -1.59 -3.15 13.79
C GLU A 59 -0.43 -3.56 12.91
N LYS A 60 0.77 -3.13 13.28
CA LYS A 60 1.98 -3.46 12.55
C LYS A 60 1.99 -4.96 12.32
N GLN A 61 2.42 -5.38 11.15
CA GLN A 61 2.49 -6.78 10.75
C GLN A 61 3.87 -7.44 10.93
N GLY A 62 4.87 -6.66 11.31
CA GLY A 62 6.20 -7.23 11.50
C GLY A 62 7.12 -7.18 10.29
N TYR A 63 8.41 -6.95 10.56
CA TYR A 63 9.42 -6.87 9.52
C TYR A 63 9.26 -7.93 8.43
N ARG A 64 9.39 -7.49 7.18
CA ARG A 64 9.26 -8.30 5.96
C ARG A 64 8.08 -9.28 5.95
N SER A 65 6.90 -8.79 6.37
CA SER A 65 5.69 -9.61 6.39
C SER A 65 4.94 -9.44 5.07
N PRO A 66 4.58 -10.55 4.42
CA PRO A 66 3.85 -10.42 3.15
C PRO A 66 2.46 -9.76 3.28
N ASN A 67 1.94 -9.69 4.49
CA ASN A 67 0.62 -9.08 4.75
C ASN A 67 0.72 -7.60 5.03
N ALA A 68 1.90 -7.02 4.84
CA ALA A 68 2.07 -5.60 5.05
C ALA A 68 1.47 -4.89 3.82
N LYS A 69 1.38 -5.63 2.73
CA LYS A 69 0.84 -5.11 1.48
C LYS A 69 -0.56 -4.58 1.74
N ILE A 70 -1.28 -5.24 2.65
CA ILE A 70 -2.64 -4.81 2.97
C ILE A 70 -2.62 -3.49 3.75
N ILE A 71 -1.67 -3.35 4.68
CA ILE A 71 -1.53 -2.13 5.47
C ILE A 71 -1.23 -0.90 4.62
N TYR A 72 -0.28 -0.98 3.70
CA TYR A 72 0.04 0.18 2.86
C TYR A 72 -1.04 0.44 1.81
N PHE A 73 -1.67 -0.63 1.33
CA PHE A 73 -2.75 -0.44 0.37
C PHE A 73 -3.81 0.45 1.06
N ILE A 74 -4.14 0.15 2.31
CA ILE A 74 -5.14 0.93 3.04
C ILE A 74 -4.66 2.36 3.28
N LYS A 75 -3.43 2.56 3.72
CA LYS A 75 -2.90 3.93 3.91
C LYS A 75 -3.06 4.72 2.61
N GLY A 76 -2.64 4.12 1.49
CA GLY A 76 -2.73 4.78 0.20
C GLY A 76 -4.15 5.05 -0.26
N PHE A 77 -5.05 4.13 0.03
CA PHE A 77 -6.45 4.26 -0.36
C PHE A 77 -7.17 5.38 0.36
N PHE A 78 -6.88 5.53 1.65
CA PHE A 78 -7.54 6.55 2.45
C PHE A 78 -6.69 7.80 2.59
N TYR A 79 -5.56 7.84 1.89
CA TYR A 79 -4.67 9.00 1.95
C TYR A 79 -5.39 10.22 1.40
N ASN A 80 -5.31 11.33 2.14
CA ASN A 80 -5.96 12.59 1.78
C ASN A 80 -7.48 12.59 1.70
N THR A 81 -8.12 11.68 2.45
CA THR A 81 -9.58 11.64 2.48
C THR A 81 -9.99 12.02 3.93
N ASN A 82 -11.28 12.02 4.21
CA ASN A 82 -11.71 12.34 5.58
C ASN A 82 -11.72 11.06 6.42
N THR A 83 -10.71 10.20 6.18
CA THR A 83 -10.55 8.94 6.92
C THR A 83 -9.10 8.76 7.36
N SER A 84 -8.91 8.77 8.67
CA SER A 84 -7.58 8.63 9.25
C SER A 84 -7.23 7.17 9.49
N VAL A 85 -6.01 6.79 9.12
CA VAL A 85 -5.55 5.40 9.28
C VAL A 85 -4.40 5.34 10.29
N ILE A 86 -4.67 4.77 11.46
CA ILE A 86 -3.67 4.63 12.52
C ILE A 86 -3.14 3.21 12.63
N VAL A 87 -1.82 3.06 12.73
CA VAL A 87 -1.22 1.75 12.86
C VAL A 87 -0.62 1.64 14.27
N ARG A 88 -1.13 0.71 15.07
CA ARG A 88 -0.65 0.51 16.43
C ARG A 88 0.18 -0.77 16.50
N ASN A 89 0.91 -0.95 17.59
CA ASN A 89 1.71 -2.16 17.79
C ASN A 89 0.77 -3.24 18.29
N PRO A 90 1.20 -4.52 18.22
CA PRO A 90 0.32 -5.58 18.70
C PRO A 90 -0.23 -5.24 20.09
N THR A 91 -1.51 -5.50 20.31
CA THR A 91 -2.12 -5.20 21.59
C THR A 91 -1.57 -6.12 22.69
N PHE A 92 -1.54 -7.41 22.43
CA PHE A 92 -1.03 -8.37 23.41
C PHE A 92 0.34 -8.84 22.95
N GLN A 93 1.35 -8.59 23.79
CA GLN A 93 2.71 -9.00 23.46
C GLN A 93 3.27 -9.91 24.53
N GLY A 94 4.31 -10.65 24.17
CA GLY A 94 4.93 -11.56 25.12
C GLY A 94 4.44 -12.99 25.11
N GLY A 95 5.31 -13.89 25.54
CA GLY A 95 4.97 -15.30 25.61
C GLY A 95 4.72 -15.96 24.27
N SER A 96 3.84 -16.96 24.30
CA SER A 96 3.51 -17.73 23.10
C SER A 96 2.34 -17.13 22.33
N TYR A 97 2.23 -17.52 21.07
CA TYR A 97 1.15 -17.06 20.20
C TYR A 97 -0.19 -17.46 20.82
N SER A 98 -0.26 -18.70 21.29
CA SER A 98 -1.49 -19.23 21.92
C SER A 98 -1.99 -18.36 23.07
N ASP A 99 -1.09 -17.95 23.96
CA ASP A 99 -1.45 -17.13 25.11
C ASP A 99 -1.93 -15.74 24.69
N ARG A 100 -1.30 -15.18 23.66
CA ARG A 100 -1.69 -13.86 23.19
C ARG A 100 -3.11 -13.91 22.64
N LYS A 101 -3.41 -14.93 21.85
CA LYS A 101 -4.74 -15.09 21.27
C LYS A 101 -5.72 -15.35 22.42
N LYS A 102 -5.32 -16.25 23.32
CA LYS A 102 -6.13 -16.62 24.48
C LYS A 102 -6.48 -15.43 25.39
N GLN A 103 -5.53 -14.53 25.59
CA GLN A 103 -5.76 -13.37 26.44
C GLN A 103 -6.66 -12.39 25.74
N SER A 104 -6.62 -12.40 24.40
CA SER A 104 -7.46 -11.50 23.64
C SER A 104 -8.90 -12.00 23.78
N VAL A 105 -9.11 -13.29 23.52
CA VAL A 105 -10.44 -13.89 23.63
C VAL A 105 -11.01 -13.72 25.04
N ILE A 106 -10.21 -14.02 26.05
CA ILE A 106 -10.68 -13.86 27.43
C ILE A 106 -11.07 -12.41 27.70
N THR A 107 -10.13 -11.48 27.50
CA THR A 107 -10.35 -10.05 27.72
C THR A 107 -11.57 -9.53 26.95
N PHE A 108 -11.74 -10.05 25.74
CA PHE A 108 -12.85 -9.67 24.86
C PHE A 108 -14.20 -10.14 25.42
N MET A 109 -14.20 -11.32 26.03
CA MET A 109 -15.43 -11.88 26.60
C MET A 109 -15.95 -11.10 27.80
N ASP A 110 -15.03 -10.59 28.62
CA ASP A 110 -15.40 -9.83 29.82
C ASP A 110 -15.96 -8.46 29.49
N LYS A 111 -15.26 -7.75 28.61
CA LYS A 111 -15.64 -6.41 28.21
C LYS A 111 -16.93 -6.32 27.40
N LEU A 112 -17.15 -7.34 26.56
CA LEU A 112 -18.32 -7.39 25.69
C LEU A 112 -19.66 -7.09 26.36
N SER A 113 -19.70 -7.10 27.70
CA SER A 113 -20.95 -6.83 28.44
C SER A 113 -21.43 -5.38 28.40
N LYS A 128 -13.82 -19.90 15.91
CA LYS A 128 -12.63 -19.22 16.41
C LYS A 128 -12.94 -17.75 16.68
N LEU A 129 -12.61 -17.29 17.89
CA LEU A 129 -12.90 -15.91 18.29
C LEU A 129 -11.72 -14.96 18.49
N ASP A 130 -10.50 -15.37 18.13
CA ASP A 130 -9.38 -14.49 18.37
C ASP A 130 -9.27 -13.31 17.40
N ASP A 131 -9.74 -13.48 16.17
CA ASP A 131 -9.69 -12.41 15.17
C ASP A 131 -10.61 -11.26 15.53
N ILE A 132 -11.86 -11.57 15.86
CA ILE A 132 -12.81 -10.52 16.22
C ILE A 132 -12.40 -9.87 17.54
N ALA A 133 -11.89 -10.68 18.47
CA ALA A 133 -11.45 -10.20 19.77
C ALA A 133 -10.22 -9.32 19.62
N ASP A 134 -9.31 -9.73 18.75
CA ASP A 134 -8.10 -8.96 18.47
C ASP A 134 -8.51 -7.63 17.88
N SER A 135 -9.41 -7.67 16.91
CA SER A 135 -9.88 -6.45 16.29
C SER A 135 -10.63 -5.61 17.31
N PHE A 136 -11.35 -6.28 18.21
CA PHE A 136 -12.11 -5.59 19.25
C PHE A 136 -11.16 -4.88 20.21
N ASN A 137 -10.22 -5.63 20.77
CA ASN A 137 -9.25 -5.08 21.72
C ASN A 137 -8.35 -4.01 21.13
N LEU A 138 -8.17 -4.05 19.82
CA LEU A 138 -7.33 -3.08 19.12
C LEU A 138 -8.05 -1.74 19.10
N GLY A 139 -9.36 -1.78 18.89
CA GLY A 139 -10.12 -0.54 18.86
C GLY A 139 -10.14 0.06 20.25
N ILE A 140 -10.43 -0.78 21.24
CA ILE A 140 -10.48 -0.34 22.62
C ILE A 140 -9.14 0.30 23.02
N ALA A 141 -8.04 -0.36 22.66
CA ALA A 141 -6.71 0.14 22.98
C ALA A 141 -6.47 1.51 22.31
N TYR A 142 -6.91 1.64 21.07
CA TYR A 142 -6.74 2.91 20.38
C TYR A 142 -7.52 4.01 21.11
N ILE A 143 -8.73 3.67 21.56
CA ILE A 143 -9.57 4.63 22.25
C ILE A 143 -8.90 5.19 23.52
N GLU A 144 -8.03 4.40 24.14
CA GLU A 144 -7.29 4.90 25.31
C GLU A 144 -6.24 5.79 24.64
N SER A 145 -6.74 6.83 23.98
CA SER A 145 -5.92 7.79 23.23
C SER A 145 -6.94 8.70 22.53
N THR B 2 -2.98 9.88 -24.11
CA THR B 2 -2.72 9.15 -22.83
C THR B 2 -1.30 9.42 -22.30
N ILE B 3 -1.23 9.84 -21.04
CA ILE B 3 0.04 10.14 -20.39
C ILE B 3 0.49 8.96 -19.54
N ILE B 4 1.70 8.44 -19.81
CA ILE B 4 2.25 7.30 -19.08
C ILE B 4 3.32 7.71 -18.06
N CYS B 5 3.24 7.17 -16.85
CA CYS B 5 4.22 7.49 -15.84
C CYS B 5 4.86 6.19 -15.36
N SER B 6 5.98 5.83 -15.98
CA SER B 6 6.69 4.62 -15.61
C SER B 6 7.75 4.99 -14.59
N VAL B 7 7.65 4.41 -13.39
CA VAL B 7 8.61 4.77 -12.36
C VAL B 7 9.45 3.61 -11.87
N ASP B 8 10.70 3.93 -11.55
CA ASP B 8 11.67 2.98 -11.02
C ASP B 8 11.69 3.27 -9.52
N ILE B 9 10.92 2.50 -8.76
CA ILE B 9 10.81 2.69 -7.32
C ILE B 9 12.11 2.53 -6.55
N GLY B 10 12.36 3.49 -5.66
CA GLY B 10 13.56 3.48 -4.85
C GLY B 10 13.28 4.31 -3.62
N ILE B 11 14.04 4.12 -2.55
CA ILE B 11 13.79 4.90 -1.37
C ILE B 11 14.42 6.28 -1.49
N LYS B 12 15.74 6.33 -1.52
CA LYS B 12 16.45 7.60 -1.65
C LYS B 12 16.65 7.93 -3.12
N ASN B 13 16.63 6.91 -3.98
CA ASN B 13 16.85 7.10 -5.40
C ASN B 13 15.67 6.82 -6.33
N PRO B 14 14.49 7.39 -6.05
CA PRO B 14 13.40 7.08 -6.97
C PRO B 14 13.58 7.92 -8.24
N ALA B 15 12.97 7.48 -9.33
CA ALA B 15 13.04 8.20 -10.60
C ALA B 15 11.90 7.76 -11.48
N TYR B 16 11.38 8.68 -12.27
CA TYR B 16 10.27 8.38 -13.17
C TYR B 16 10.35 9.17 -14.46
N THR B 17 9.84 8.58 -15.53
CA THR B 17 9.84 9.18 -16.85
C THR B 17 8.40 9.34 -17.32
N ILE B 18 8.10 10.49 -17.91
CA ILE B 18 6.76 10.79 -18.41
C ILE B 18 6.74 10.75 -19.93
N PHE B 19 5.88 9.90 -20.50
CA PHE B 19 5.75 9.79 -21.93
C PHE B 19 4.38 10.33 -22.31
N ARG B 20 4.19 10.54 -23.60
CA ARG B 20 2.92 10.98 -24.15
C ARG B 20 2.74 10.02 -25.30
N TYR B 21 1.60 9.32 -25.33
CA TYR B 21 1.34 8.38 -26.40
C TYR B 21 0.05 8.75 -27.14
N GLU B 22 0.18 9.49 -28.24
CA GLU B 22 -0.96 9.92 -29.04
C GLU B 22 -0.77 9.62 -30.53
N ASP B 23 -1.61 8.72 -31.06
CA ASP B 23 -1.54 8.33 -32.47
C ASP B 23 -0.27 7.56 -32.80
N SER B 24 -0.03 6.47 -32.06
CA SER B 24 1.15 5.63 -32.26
C SER B 24 2.46 6.42 -32.27
N LYS B 25 2.40 7.66 -31.80
CA LYS B 25 3.58 8.53 -31.74
C LYS B 25 3.98 8.78 -30.28
N VAL B 26 5.05 8.12 -29.85
CA VAL B 26 5.54 8.28 -28.48
C VAL B 26 6.43 9.53 -28.36
N SER B 27 6.30 10.25 -27.24
CA SER B 27 7.11 11.45 -27.04
C SER B 27 7.48 11.67 -25.57
N LEU B 28 8.78 11.82 -25.33
CA LEU B 28 9.30 12.03 -23.99
C LEU B 28 8.95 13.43 -23.49
N ILE B 29 8.02 13.51 -22.54
CA ILE B 29 7.57 14.78 -21.97
C ILE B 29 8.46 15.25 -20.82
N ALA B 30 8.87 14.33 -19.96
CA ALA B 30 9.71 14.71 -18.83
C ALA B 30 10.45 13.53 -18.22
N ILE B 31 11.46 13.84 -17.43
CA ILE B 31 12.22 12.82 -16.74
C ILE B 31 12.67 13.46 -15.46
N GLU B 32 12.52 12.74 -14.35
CA GLU B 32 12.90 13.31 -13.06
C GLU B 32 13.37 12.34 -12.01
N LYS B 33 14.33 12.80 -11.23
CA LYS B 33 14.88 12.03 -10.13
C LYS B 33 14.16 12.63 -8.92
N SER B 34 14.12 11.91 -7.80
CA SER B 34 13.46 12.42 -6.62
C SER B 34 14.05 11.82 -5.35
N ASP B 35 13.36 12.03 -4.24
CA ASP B 35 13.82 11.51 -2.96
C ASP B 35 12.66 11.05 -2.08
N TRP B 36 12.55 9.74 -1.86
CA TRP B 36 11.49 9.23 -1.02
C TRP B 36 12.11 8.62 0.22
N SER B 37 13.25 9.17 0.63
CA SER B 37 13.96 8.70 1.82
C SER B 37 13.32 9.29 3.07
N ASP B 38 12.64 10.42 2.90
CA ASP B 38 11.96 11.10 3.99
C ASP B 38 10.57 11.52 3.53
N ASN B 39 9.56 11.29 4.38
CA ASN B 39 8.18 11.67 4.07
C ASN B 39 7.74 11.07 2.74
N TRP B 40 8.03 9.79 2.55
CA TRP B 40 7.71 9.14 1.30
C TRP B 40 6.24 9.27 0.88
N GLU B 41 5.32 9.09 1.81
CA GLU B 41 3.90 9.20 1.51
C GLU B 41 3.47 10.51 0.86
N TYR B 42 3.97 11.64 1.38
CA TYR B 42 3.65 12.96 0.83
C TYR B 42 4.30 13.15 -0.53
N ASN B 43 5.57 12.76 -0.63
CA ASN B 43 6.33 12.91 -1.86
C ASN B 43 5.90 11.94 -2.95
N VAL B 44 5.53 10.72 -2.56
CA VAL B 44 5.10 9.73 -3.52
C VAL B 44 3.83 10.19 -4.25
N THR B 45 2.86 10.72 -3.51
CA THR B 45 1.61 11.18 -4.14
C THR B 45 1.84 12.41 -5.00
N LYS B 46 2.57 13.38 -4.43
CA LYS B 46 2.92 14.64 -5.10
C LYS B 46 3.68 14.37 -6.42
N ASP B 47 4.74 13.58 -6.35
CA ASP B 47 5.52 13.26 -7.54
C ASP B 47 4.73 12.56 -8.64
N LEU B 48 3.97 11.53 -8.28
CA LEU B 48 3.20 10.76 -9.24
C LEU B 48 1.92 11.42 -9.76
N THR B 49 1.43 12.43 -9.07
CA THR B 49 0.22 13.13 -9.52
C THR B 49 0.58 14.45 -10.25
N LYS B 50 1.84 14.84 -10.16
CA LYS B 50 2.31 16.08 -10.79
C LYS B 50 1.93 16.19 -12.26
N TYR B 51 2.00 15.09 -13.00
CA TYR B 51 1.68 15.06 -14.43
C TYR B 51 0.35 14.39 -14.78
N ASN B 52 -0.44 14.06 -13.76
CA ASN B 52 -1.74 13.41 -13.94
C ASN B 52 -1.70 12.27 -14.96
N PRO B 53 -0.88 11.24 -14.71
CA PRO B 53 -0.82 10.13 -15.66
C PRO B 53 -2.12 9.33 -15.80
N ASP B 54 -2.32 8.71 -16.96
CA ASP B 54 -3.51 7.90 -17.19
C ASP B 54 -3.12 6.50 -16.77
N ILE B 55 -1.82 6.26 -16.87
CA ILE B 55 -1.24 4.98 -16.51
C ILE B 55 0.07 5.16 -15.76
N ILE B 56 0.26 4.36 -14.73
CA ILE B 56 1.48 4.38 -13.95
C ILE B 56 2.06 2.99 -14.06
N VAL B 57 3.31 2.90 -14.50
CA VAL B 57 3.95 1.60 -14.64
C VAL B 57 4.98 1.44 -13.53
N LEU B 58 4.94 0.27 -12.88
CA LEU B 58 5.85 -0.04 -11.77
C LEU B 58 6.44 -1.43 -12.02
N GLU B 59 7.52 -1.73 -11.31
CA GLU B 59 8.17 -3.03 -11.44
C GLU B 59 7.88 -3.88 -10.18
N LYS B 60 7.62 -5.17 -10.36
CA LYS B 60 7.34 -6.06 -9.23
C LYS B 60 8.48 -6.00 -8.19
N GLN B 61 8.13 -5.80 -6.92
CA GLN B 61 9.10 -5.67 -5.83
C GLN B 61 9.42 -6.87 -4.90
N GLY B 62 8.40 -7.61 -4.45
CA GLY B 62 8.66 -8.73 -3.56
C GLY B 62 8.47 -8.25 -2.13
N TYR B 63 7.75 -9.02 -1.33
CA TYR B 63 7.46 -8.59 0.04
C TYR B 63 8.66 -8.32 0.95
N ARG B 64 9.83 -8.86 0.60
CA ARG B 64 11.04 -8.66 1.42
C ARG B 64 11.81 -7.39 1.06
N SER B 65 11.28 -6.63 0.10
CA SER B 65 11.93 -5.41 -0.36
C SER B 65 11.46 -4.15 0.36
N PRO B 66 12.40 -3.23 0.61
CA PRO B 66 12.01 -1.98 1.30
C PRO B 66 11.13 -1.11 0.40
N ASN B 67 11.00 -1.53 -0.87
CA ASN B 67 10.20 -0.81 -1.85
C ASN B 67 8.79 -1.38 -1.93
N ALA B 68 8.56 -2.53 -1.31
CA ALA B 68 7.23 -3.14 -1.35
C ALA B 68 6.14 -2.23 -0.76
N LYS B 69 6.43 -1.58 0.37
CA LYS B 69 5.45 -0.69 0.99
C LYS B 69 5.01 0.40 0.01
N ILE B 70 5.92 0.86 -0.83
CA ILE B 70 5.65 1.90 -1.81
C ILE B 70 4.78 1.44 -2.97
N ILE B 71 4.99 0.22 -3.44
CA ILE B 71 4.17 -0.26 -4.54
C ILE B 71 2.73 -0.46 -4.09
N TYR B 72 2.51 -0.95 -2.87
CA TYR B 72 1.15 -1.15 -2.40
C TYR B 72 0.43 0.14 -2.00
N PHE B 73 1.20 1.15 -1.65
CA PHE B 73 0.62 2.43 -1.30
C PHE B 73 0.07 3.03 -2.60
N ILE B 74 0.86 2.94 -3.67
CA ILE B 74 0.47 3.46 -4.97
C ILE B 74 -0.76 2.75 -5.53
N LYS B 75 -0.83 1.42 -5.37
CA LYS B 75 -2.00 0.66 -5.84
C LYS B 75 -3.26 1.15 -5.09
N GLY B 76 -3.14 1.32 -3.78
CA GLY B 76 -4.25 1.77 -2.95
C GLY B 76 -4.65 3.21 -3.23
N PHE B 77 -3.65 4.07 -3.39
CA PHE B 77 -3.93 5.48 -3.66
C PHE B 77 -4.68 5.70 -4.96
N PHE B 78 -4.27 4.98 -6.01
CA PHE B 78 -4.90 5.11 -7.34
C PHE B 78 -5.97 4.07 -7.60
N TYR B 79 -6.28 3.27 -6.60
CA TYR B 79 -7.31 2.25 -6.77
C TYR B 79 -8.63 2.97 -6.96
N ASN B 80 -9.40 2.49 -7.93
CA ASN B 80 -10.71 3.07 -8.21
C ASN B 80 -10.67 4.58 -8.58
N THR B 81 -9.75 4.95 -9.47
CA THR B 81 -9.63 6.33 -9.94
C THR B 81 -9.44 6.22 -11.45
N ASN B 82 -9.13 7.33 -12.12
CA ASN B 82 -8.93 7.33 -13.57
C ASN B 82 -7.55 6.81 -13.95
N THR B 83 -6.63 6.79 -12.99
CA THR B 83 -5.27 6.33 -13.20
C THR B 83 -5.20 4.83 -12.94
N SER B 84 -4.56 4.10 -13.84
CA SER B 84 -4.46 2.67 -13.65
C SER B 84 -2.99 2.29 -13.41
N VAL B 85 -2.77 1.50 -12.38
CA VAL B 85 -1.42 1.08 -12.02
C VAL B 85 -1.13 -0.30 -12.58
N ILE B 86 -0.12 -0.38 -13.44
CA ILE B 86 0.28 -1.66 -14.03
C ILE B 86 1.64 -2.00 -13.45
N VAL B 87 1.78 -3.23 -12.95
CA VAL B 87 3.03 -3.69 -12.38
C VAL B 87 3.65 -4.73 -13.33
N ARG B 88 4.94 -4.59 -13.61
CA ARG B 88 5.64 -5.52 -14.52
C ARG B 88 6.83 -6.20 -13.86
N ASN B 89 7.54 -7.00 -14.65
CA ASN B 89 8.73 -7.68 -14.16
C ASN B 89 9.93 -6.88 -14.63
N PRO B 90 11.11 -7.13 -14.06
CA PRO B 90 12.30 -6.38 -14.47
C PRO B 90 12.47 -6.31 -16.00
N THR B 91 12.72 -5.11 -16.53
CA THR B 91 12.90 -4.93 -17.97
C THR B 91 14.09 -5.76 -18.45
N PHE B 92 15.12 -5.80 -17.62
CA PHE B 92 16.34 -6.55 -17.90
C PHE B 92 16.51 -7.61 -16.82
N GLN B 93 16.85 -8.83 -17.23
CA GLN B 93 17.06 -9.92 -16.27
C GLN B 93 18.16 -10.83 -16.77
N GLY B 94 19.06 -11.21 -15.87
CA GLY B 94 20.16 -12.08 -16.23
C GLY B 94 21.48 -11.47 -15.76
N GLY B 95 22.58 -12.21 -15.96
CA GLY B 95 23.86 -11.70 -15.52
C GLY B 95 23.79 -11.23 -14.07
N SER B 96 24.62 -10.27 -13.71
CA SER B 96 24.64 -9.74 -12.35
C SER B 96 23.82 -8.45 -12.24
N TYR B 97 23.72 -7.91 -11.03
CA TYR B 97 22.97 -6.67 -10.80
C TYR B 97 23.55 -5.54 -11.64
N SER B 98 24.86 -5.31 -11.51
CA SER B 98 25.54 -4.26 -12.25
C SER B 98 25.54 -4.50 -13.77
N ASP B 99 25.30 -5.75 -14.17
CA ASP B 99 25.24 -6.10 -15.59
C ASP B 99 23.99 -5.51 -16.23
N ARG B 100 22.85 -5.67 -15.56
CA ARG B 100 21.57 -5.17 -16.04
C ARG B 100 21.48 -3.65 -15.95
N LYS B 101 22.16 -3.09 -14.95
CA LYS B 101 22.18 -1.64 -14.75
C LYS B 101 23.02 -0.94 -15.80
N LYS B 102 23.91 -1.68 -16.45
CA LYS B 102 24.77 -1.12 -17.47
C LYS B 102 24.10 -1.11 -18.84
N GLN B 103 23.44 -2.20 -19.20
CA GLN B 103 22.76 -2.27 -20.49
C GLN B 103 21.48 -1.41 -20.46
N SER B 104 21.03 -1.09 -19.25
CA SER B 104 19.84 -0.26 -19.07
C SER B 104 20.23 1.16 -19.42
N VAL B 105 21.34 1.62 -18.83
CA VAL B 105 21.83 2.97 -19.08
C VAL B 105 22.23 3.10 -20.55
N ILE B 106 22.82 2.03 -21.09
CA ILE B 106 23.25 1.97 -22.48
C ILE B 106 22.05 2.15 -23.41
N THR B 107 21.05 1.28 -23.24
CA THR B 107 19.85 1.33 -24.06
C THR B 107 19.20 2.71 -23.96
N PHE B 108 19.23 3.27 -22.76
CA PHE B 108 18.66 4.58 -22.48
C PHE B 108 19.26 5.69 -23.34
N MET B 109 20.56 5.92 -23.19
CA MET B 109 21.24 6.98 -23.95
C MET B 109 21.21 6.78 -25.46
N ASP B 110 20.98 5.53 -25.89
CA ASP B 110 20.89 5.21 -27.31
C ASP B 110 19.52 5.61 -27.84
N LYS B 111 18.53 5.61 -26.95
CA LYS B 111 17.15 5.95 -27.31
C LYS B 111 16.84 7.45 -27.31
N LEU B 112 17.49 8.21 -26.42
CA LEU B 112 17.27 9.64 -26.35
C LEU B 112 17.27 10.31 -27.73
N SER B 113 18.34 10.06 -28.48
CA SER B 113 18.48 10.62 -29.83
C SER B 113 17.24 10.38 -30.69
N LYS B 128 24.64 9.05 -11.58
CA LYS B 128 23.63 8.05 -11.25
C LYS B 128 22.53 8.00 -12.32
N LEU B 129 22.84 7.35 -13.44
CA LEU B 129 21.90 7.24 -14.56
C LEU B 129 21.02 5.99 -14.57
N ASP B 130 21.39 4.96 -13.80
CA ASP B 130 20.63 3.71 -13.79
C ASP B 130 19.19 3.80 -13.29
N ASP B 131 18.90 4.75 -12.40
CA ASP B 131 17.54 4.92 -11.88
C ASP B 131 16.65 5.54 -12.96
N ILE B 132 17.16 6.59 -13.59
CA ILE B 132 16.42 7.26 -14.66
C ILE B 132 16.34 6.34 -15.87
N ALA B 133 17.43 5.63 -16.13
CA ALA B 133 17.47 4.70 -17.25
C ALA B 133 16.38 3.65 -17.08
N ASP B 134 16.33 3.02 -15.90
CA ASP B 134 15.33 2.00 -15.61
C ASP B 134 13.92 2.53 -15.83
N SER B 135 13.59 3.62 -15.15
CA SER B 135 12.25 4.22 -15.26
C SER B 135 11.87 4.45 -16.71
N PHE B 136 12.82 4.94 -17.49
CA PHE B 136 12.62 5.21 -18.92
C PHE B 136 12.35 3.91 -19.68
N ASN B 137 13.25 2.94 -19.53
CA ASN B 137 13.15 1.66 -20.21
C ASN B 137 11.88 0.89 -19.83
N LEU B 138 11.40 1.09 -18.60
CA LEU B 138 10.21 0.42 -18.09
C LEU B 138 8.96 0.91 -18.83
N GLY B 139 8.92 2.21 -19.09
CA GLY B 139 7.80 2.79 -19.81
C GLY B 139 7.80 2.29 -21.24
N ILE B 140 8.97 2.26 -21.87
CA ILE B 140 9.09 1.78 -23.25
C ILE B 140 8.62 0.32 -23.35
N ALA B 141 9.11 -0.52 -22.44
CA ALA B 141 8.74 -1.93 -22.46
C ALA B 141 7.22 -2.08 -22.33
N TYR B 142 6.60 -1.18 -21.58
CA TYR B 142 5.15 -1.23 -21.40
C TYR B 142 4.41 -0.76 -22.64
N ILE B 143 4.79 0.43 -23.10
CA ILE B 143 4.19 1.06 -24.28
C ILE B 143 4.10 0.13 -25.47
N GLU B 144 5.10 -0.72 -25.64
CA GLU B 144 5.13 -1.66 -26.72
C GLU B 144 4.22 -2.84 -26.38
N SER B 145 2.95 -2.52 -26.17
CA SER B 145 1.87 -3.45 -25.82
C SER B 145 0.59 -2.61 -25.65
MG MG C . -6.29 -12.87 13.28
O1 TAR D . -10.65 -2.37 -13.52
O11 TAR D . -11.71 -2.97 -11.69
C1 TAR D . -10.92 -2.23 -12.21
C2 TAR D . -10.21 -1.12 -11.38
O2 TAR D . -10.64 -1.16 -10.02
C3 TAR D . -8.65 -1.28 -11.44
O3 TAR D . -8.22 -2.56 -10.96
C4 TAR D . -7.95 -0.17 -10.64
O4 TAR D . -8.18 1.13 -10.89
O41 TAR D . -7.16 -0.47 -9.77
MG MG E . 16.63 2.36 -9.12
#